data_3DO5
#
_entry.id   3DO5
#
_cell.length_a   119.107
_cell.length_b   120.818
_cell.length_c   57.886
_cell.angle_alpha   90.000
_cell.angle_beta   90.000
_cell.angle_gamma   90.000
#
_symmetry.space_group_name_H-M   'C 2 2 21'
#
loop_
_entity.id
_entity.type
_entity.pdbx_description
1 polymer 'Homoserine dehydrogenase'
2 non-polymer 'PHOSPHATE ION'
3 non-polymer DI(HYDROXYETHYL)ETHER
4 water water
#
_entity_poly.entity_id   1
_entity_poly.type   'polypeptide(L)'
_entity_poly.pdbx_seq_one_letter_code
;G(MSE)IKIAIVGFGTVGQGVAELLIRKREEIEKAIGEFKVTAVADSKSSISGDFSLVEALR(MSE)KRETG(MSE)LRD
DAKAIEVVRSADYDVLIEASVTRVDGGEGVNYIREALKRGKHVVTSNKGPLVAEFHGL(MSE)SLAERNGVRL(MSE)YE
ATVGGA(MSE)PVVKLAKRYLALCEIESVKGIFNGTCNYILSR(MSE)EEERLPYEHILKEAQELGYAEADPSYDVEGID
AALKLVIIANTIGVKASYEDVEVTGITQITPEAFQVAAEKGYTIRLIAEVSREKLKVSPRLVPFHHPLAIKGT(MSE)NA
A(MSE)FKTDTAGSIFVAGRGAGKEETASAILSDLYEIYAGPR
;
_entity_poly.pdbx_strand_id   A
#
loop_
_chem_comp.id
_chem_comp.type
_chem_comp.name
_chem_comp.formula
PEG non-polymer DI(HYDROXYETHYL)ETHER 'C4 H10 O3'
PO4 non-polymer 'PHOSPHATE ION' 'O4 P -3'
#
# COMPACT_ATOMS: atom_id res chain seq x y z
N MSE A 2 -21.01 -19.11 2.63
CA MSE A 2 -19.79 -19.00 3.50
C MSE A 2 -18.50 -18.61 2.74
O MSE A 2 -17.94 -19.44 2.00
CB MSE A 2 -19.56 -20.33 4.22
CG MSE A 2 -18.54 -20.34 5.38
SE MSE A 2 -19.09 -19.13 6.81
CE MSE A 2 -18.79 -20.32 8.34
N ILE A 3 -18.05 -17.37 2.92
CA ILE A 3 -16.81 -16.87 2.31
C ILE A 3 -15.60 -17.31 3.15
N LYS A 4 -14.69 -18.06 2.52
CA LYS A 4 -13.52 -18.62 3.22
C LYS A 4 -12.27 -17.83 2.89
N ILE A 5 -11.65 -17.30 3.94
CA ILE A 5 -10.51 -16.44 3.84
C ILE A 5 -9.24 -17.06 4.42
N ALA A 6 -8.15 -17.00 3.65
CA ALA A 6 -6.84 -17.37 4.19
C ALA A 6 -6.08 -16.06 4.33
N ILE A 7 -5.32 -15.92 5.42
CA ILE A 7 -4.46 -14.78 5.64
C ILE A 7 -3.03 -15.30 5.63
N VAL A 8 -2.19 -14.76 4.76
CA VAL A 8 -0.80 -15.15 4.66
C VAL A 8 0.01 -13.93 4.96
N GLY A 9 0.83 -14.02 5.99
CA GLY A 9 1.56 -12.85 6.46
C GLY A 9 0.82 -12.43 7.70
N PHE A 10 1.50 -12.49 8.83
CA PHE A 10 0.87 -12.20 10.10
C PHE A 10 1.74 -11.35 11.00
N GLY A 11 2.41 -10.37 10.37
CA GLY A 11 3.12 -9.34 11.11
C GLY A 11 2.06 -8.26 11.35
N THR A 12 2.49 -7.00 11.38
CA THR A 12 1.61 -5.87 11.64
C THR A 12 0.35 -5.76 10.79
N VAL A 13 0.48 -5.93 9.48
CA VAL A 13 -0.66 -5.80 8.59
C VAL A 13 -1.65 -6.95 8.79
N GLY A 14 -1.14 -8.18 8.73
CA GLY A 14 -1.97 -9.37 8.83
C GLY A 14 -2.68 -9.41 10.15
N GLN A 15 -2.01 -9.01 11.21
CA GLN A 15 -2.65 -8.99 12.53
C GLN A 15 -3.73 -7.90 12.53
N GLY A 16 -3.45 -6.78 11.87
CA GLY A 16 -4.41 -5.68 11.67
C GLY A 16 -5.68 -6.12 10.98
N VAL A 17 -5.53 -6.96 9.95
CA VAL A 17 -6.67 -7.51 9.24
C VAL A 17 -7.51 -8.41 10.15
N ALA A 18 -6.87 -9.24 10.97
CA ALA A 18 -7.59 -10.09 11.89
C ALA A 18 -8.32 -9.24 12.94
N GLU A 19 -7.66 -8.24 13.48
CA GLU A 19 -8.30 -7.38 14.47
C GLU A 19 -9.58 -6.74 13.90
N LEU A 20 -9.48 -6.25 12.67
CA LEU A 20 -10.59 -5.56 12.04
C LEU A 20 -11.72 -6.54 11.70
N LEU A 21 -11.38 -7.70 11.14
CA LEU A 21 -12.37 -8.74 10.85
C LEU A 21 -13.15 -9.13 12.10
N ILE A 22 -12.46 -9.13 13.26
CA ILE A 22 -13.10 -9.45 14.55
C ILE A 22 -13.97 -8.28 15.00
N ARG A 23 -13.35 -7.12 15.13
CA ARG A 23 -14.02 -5.89 15.58
C ARG A 23 -15.27 -5.49 14.72
N LYS A 24 -15.16 -5.58 13.40
CA LYS A 24 -16.26 -5.25 12.48
C LYS A 24 -16.99 -6.50 11.95
N ARG A 25 -17.04 -7.59 12.68
CA ARG A 25 -17.69 -8.81 12.16
C ARG A 25 -19.20 -8.64 11.81
N GLU A 26 -19.96 -7.97 12.68
CA GLU A 26 -21.40 -7.81 12.44
C GLU A 26 -21.61 -6.99 11.15
N GLU A 27 -20.94 -5.85 11.04
CA GLU A 27 -21.09 -5.00 9.84
C GLU A 27 -20.58 -5.67 8.56
N ILE A 28 -19.47 -6.40 8.64
CA ILE A 28 -18.96 -7.11 7.47
C ILE A 28 -19.96 -8.17 7.01
N GLU A 29 -20.50 -8.93 7.95
CA GLU A 29 -21.41 -10.01 7.60
C GLU A 29 -22.75 -9.52 7.03
N LYS A 30 -23.25 -8.40 7.53
CA LYS A 30 -24.50 -7.85 6.99
C LYS A 30 -24.28 -7.09 5.69
N ALA A 31 -23.03 -7.04 5.22
CA ALA A 31 -22.67 -6.40 3.96
C ALA A 31 -22.30 -7.43 2.87
N ILE A 32 -21.52 -8.46 3.21
CA ILE A 32 -21.08 -9.48 2.25
C ILE A 32 -21.48 -10.90 2.59
N GLY A 33 -22.16 -11.10 3.72
CA GLY A 33 -22.57 -12.43 4.17
C GLY A 33 -21.60 -13.07 5.15
N GLU A 34 -21.87 -14.32 5.51
CA GLU A 34 -21.03 -15.04 6.47
C GLU A 34 -19.60 -15.31 5.96
N PHE A 35 -18.65 -15.16 6.87
CA PHE A 35 -17.24 -15.47 6.56
C PHE A 35 -16.54 -16.13 7.74
N LYS A 36 -15.54 -16.93 7.41
CA LYS A 36 -14.68 -17.56 8.38
C LYS A 36 -13.24 -17.56 7.81
N VAL A 37 -12.26 -17.27 8.66
CA VAL A 37 -10.85 -17.39 8.27
C VAL A 37 -10.49 -18.86 8.52
N THR A 38 -10.22 -19.58 7.45
CA THR A 38 -9.91 -21.00 7.51
C THR A 38 -8.42 -21.32 7.64
N ALA A 39 -7.54 -20.34 7.42
CA ALA A 39 -6.10 -20.53 7.57
C ALA A 39 -5.36 -19.21 7.81
N VAL A 40 -4.30 -19.26 8.62
CA VAL A 40 -3.44 -18.10 8.83
C VAL A 40 -2.03 -18.64 8.81
N ALA A 41 -1.11 -17.90 8.22
CA ALA A 41 0.28 -18.33 8.15
C ALA A 41 1.22 -17.14 8.30
N ASP A 42 2.29 -17.33 9.06
CA ASP A 42 3.30 -16.31 9.21
C ASP A 42 4.53 -16.77 8.41
N SER A 43 5.71 -16.27 8.74
CA SER A 43 6.88 -16.59 7.94
C SER A 43 7.42 -18.00 8.18
N LYS A 44 6.93 -18.71 9.18
CA LYS A 44 7.41 -20.06 9.47
C LYS A 44 6.43 -21.06 10.07
N SER A 45 5.19 -20.67 10.26
CA SER A 45 4.19 -21.55 10.87
C SER A 45 2.79 -21.19 10.39
N SER A 46 1.80 -21.95 10.85
CA SER A 46 0.44 -21.72 10.43
C SER A 46 -0.60 -22.29 11.37
N ILE A 47 -1.84 -21.91 11.16
CA ILE A 47 -2.97 -22.44 11.91
C ILE A 47 -4.10 -22.57 10.89
N SER A 48 -4.73 -23.74 10.86
CA SER A 48 -5.78 -24.07 9.93
C SER A 48 -6.76 -25.03 10.61
N GLY A 49 -7.84 -25.38 9.91
CA GLY A 49 -8.88 -26.20 10.51
C GLY A 49 -9.82 -25.24 11.21
N ASP A 50 -10.52 -25.72 12.24
CA ASP A 50 -11.39 -24.83 13.00
C ASP A 50 -10.54 -24.31 14.15
N PHE A 51 -10.49 -22.99 14.25
CA PHE A 51 -9.74 -22.29 15.27
C PHE A 51 -10.40 -20.94 15.28
N SER A 52 -10.18 -20.12 16.28
CA SER A 52 -10.76 -18.77 16.23
C SER A 52 -9.68 -17.75 15.84
N LEU A 53 -10.08 -16.65 15.20
CA LEU A 53 -9.14 -15.60 14.86
C LEU A 53 -8.49 -15.03 16.09
N VAL A 54 -9.27 -14.90 17.16
CA VAL A 54 -8.74 -14.36 18.40
C VAL A 54 -7.73 -15.37 18.99
N GLU A 55 -7.93 -16.66 18.70
CA GLU A 55 -6.98 -17.72 19.13
C GLU A 55 -5.66 -17.49 18.41
N ALA A 56 -5.74 -17.38 17.09
CA ALA A 56 -4.56 -17.17 16.26
C ALA A 56 -3.77 -15.93 16.70
N LEU A 57 -4.51 -14.90 17.02
CA LEU A 57 -3.97 -13.60 17.38
C LEU A 57 -3.30 -13.68 18.73
N ARG A 58 -3.97 -14.31 19.69
CA ARG A 58 -3.42 -14.48 21.02
C ARG A 58 -2.10 -15.27 20.94
N MSE A 59 -2.13 -16.36 20.20
CA MSE A 59 -0.99 -17.24 20.03
C MSE A 59 0.21 -16.51 19.40
O MSE A 59 1.33 -16.68 19.86
CB MSE A 59 -1.43 -18.43 19.16
CG MSE A 59 -0.45 -19.54 19.07
SE MSE A 59 -1.19 -20.88 17.91
CE MSE A 59 -2.56 -21.71 19.18
N LYS A 60 -0.01 -15.70 18.37
CA LYS A 60 1.07 -14.97 17.70
C LYS A 60 1.73 -13.98 18.65
N ARG A 61 0.91 -13.25 19.39
CA ARG A 61 1.41 -12.24 20.32
C ARG A 61 2.12 -12.90 21.48
N GLU A 62 1.51 -13.96 22.00
CA GLU A 62 2.04 -14.71 23.14
C GLU A 62 3.34 -15.49 22.86
N THR A 63 3.49 -16.01 21.65
CA THR A 63 4.61 -16.92 21.34
C THR A 63 5.50 -16.51 20.16
N GLY A 64 5.06 -15.54 19.38
CA GLY A 64 5.78 -15.10 18.18
C GLY A 64 5.55 -15.95 16.95
N MSE A 65 4.70 -16.97 17.09
CA MSE A 65 4.39 -17.88 15.99
C MSE A 65 3.02 -18.52 16.16
O MSE A 65 2.31 -18.26 17.13
CB MSE A 65 5.48 -18.95 15.87
CG MSE A 65 5.82 -19.60 17.17
SE MSE A 65 7.30 -20.85 16.99
CE MSE A 65 6.32 -22.09 15.69
N LEU A 66 2.67 -19.38 15.21
CA LEU A 66 1.38 -20.06 15.23
C LEU A 66 1.54 -21.52 15.67
N ARG A 67 0.58 -22.35 15.29
CA ARG A 67 0.45 -23.66 15.85
C ARG A 67 1.12 -24.82 15.10
N ASP A 68 1.05 -24.77 13.79
CA ASP A 68 1.53 -25.83 12.95
C ASP A 68 2.79 -25.43 12.22
N ASP A 69 3.49 -26.45 11.79
CA ASP A 69 4.78 -26.29 11.17
C ASP A 69 4.64 -25.97 9.68
N ALA A 70 3.50 -26.37 9.09
CA ALA A 70 3.20 -26.09 7.69
C ALA A 70 3.37 -24.59 7.33
N LYS A 71 4.15 -24.36 6.28
CA LYS A 71 4.50 -23.04 5.83
C LYS A 71 3.40 -22.43 4.95
N ALA A 72 3.50 -21.12 4.77
CA ALA A 72 2.56 -20.31 3.99
C ALA A 72 2.31 -20.92 2.61
N ILE A 73 3.36 -21.44 1.98
CA ILE A 73 3.21 -21.99 0.64
C ILE A 73 2.24 -23.19 0.67
N GLU A 74 2.34 -24.06 1.69
CA GLU A 74 1.42 -25.21 1.83
C GLU A 74 -0.03 -24.75 2.07
N VAL A 75 -0.22 -23.72 2.88
CA VAL A 75 -1.56 -23.18 3.10
C VAL A 75 -2.13 -22.61 1.79
N VAL A 76 -1.27 -21.93 1.03
CA VAL A 76 -1.70 -21.37 -0.25
C VAL A 76 -2.08 -22.45 -1.26
N ARG A 77 -1.27 -23.48 -1.37
CA ARG A 77 -1.55 -24.53 -2.36
C ARG A 77 -2.49 -25.63 -1.89
N SER A 78 -2.81 -25.71 -0.60
CA SER A 78 -3.67 -26.80 -0.10
C SER A 78 -4.85 -26.42 0.77
N ALA A 79 -4.80 -25.30 1.47
CA ALA A 79 -5.87 -24.92 2.39
C ALA A 79 -7.16 -24.63 1.64
N ASP A 80 -8.28 -24.74 2.35
CA ASP A 80 -9.60 -24.50 1.77
C ASP A 80 -10.07 -23.06 2.00
N TYR A 81 -9.93 -22.24 0.97
CA TYR A 81 -10.30 -20.83 1.02
C TYR A 81 -10.78 -20.37 -0.35
N ASP A 82 -11.51 -19.25 -0.33
CA ASP A 82 -12.07 -18.62 -1.49
C ASP A 82 -11.26 -17.39 -1.90
N VAL A 83 -10.83 -16.62 -0.91
CA VAL A 83 -10.01 -15.41 -1.13
C VAL A 83 -8.76 -15.47 -0.25
N LEU A 84 -7.60 -15.16 -0.85
CA LEU A 84 -6.35 -15.04 -0.12
C LEU A 84 -6.02 -13.57 0.19
N ILE A 85 -5.79 -13.28 1.46
CA ILE A 85 -5.28 -11.98 1.89
C ILE A 85 -3.77 -12.16 2.05
N GLU A 86 -3.02 -11.52 1.18
CA GLU A 86 -1.60 -11.69 1.09
C GLU A 86 -0.93 -10.43 1.60
N ALA A 87 -0.53 -10.48 2.86
CA ALA A 87 0.08 -9.41 3.63
C ALA A 87 1.44 -9.89 4.11
N SER A 88 2.18 -10.62 3.26
CA SER A 88 3.44 -11.26 3.71
C SER A 88 4.53 -10.25 4.03
N VAL A 89 5.34 -10.58 5.03
CA VAL A 89 6.43 -9.75 5.53
C VAL A 89 7.67 -10.00 4.63
N THR A 90 7.85 -9.16 3.61
CA THR A 90 8.92 -9.31 2.58
C THR A 90 10.36 -9.39 3.13
N ARG A 91 10.81 -8.34 3.82
CA ARG A 91 12.18 -8.32 4.35
C ARG A 91 12.30 -9.25 5.58
N GLU A 96 8.70 -14.83 -2.60
CA GLU A 96 7.68 -15.67 -1.99
C GLU A 96 6.30 -15.11 -2.28
N GLY A 97 6.13 -13.81 -2.05
CA GLY A 97 4.88 -13.10 -2.27
C GLY A 97 4.27 -13.32 -3.65
N VAL A 98 5.11 -13.19 -4.69
CA VAL A 98 4.72 -13.38 -6.10
C VAL A 98 4.16 -14.81 -6.33
N ASN A 99 4.81 -15.79 -5.72
CA ASN A 99 4.41 -17.19 -5.79
C ASN A 99 3.12 -17.46 -4.99
N TYR A 100 2.91 -16.76 -3.88
CA TYR A 100 1.65 -16.93 -3.15
C TYR A 100 0.49 -16.41 -4.00
N ILE A 101 0.67 -15.26 -4.64
CA ILE A 101 -0.36 -14.68 -5.50
C ILE A 101 -0.61 -15.61 -6.72
N ARG A 102 0.41 -15.89 -7.50
CA ARG A 102 0.29 -16.75 -8.69
C ARG A 102 -0.39 -18.07 -8.35
N GLU A 103 0.01 -18.69 -7.25
CA GLU A 103 -0.55 -20.00 -6.85
C GLU A 103 -2.00 -19.90 -6.35
N ALA A 104 -2.39 -18.81 -5.70
CA ALA A 104 -3.81 -18.68 -5.33
C ALA A 104 -4.65 -18.40 -6.61
N LEU A 105 -4.15 -17.52 -7.49
CA LEU A 105 -4.83 -17.20 -8.74
C LEU A 105 -4.96 -18.43 -9.65
N LYS A 106 -3.88 -19.22 -9.75
CA LYS A 106 -3.89 -20.47 -10.53
C LYS A 106 -4.80 -21.54 -9.96
N ARG A 107 -5.21 -21.38 -8.71
CA ARG A 107 -6.19 -22.27 -8.08
C ARG A 107 -7.60 -21.70 -8.28
N GLY A 108 -7.67 -20.52 -8.91
CA GLY A 108 -8.95 -19.84 -9.12
C GLY A 108 -9.45 -19.21 -7.83
N LYS A 109 -8.54 -18.56 -7.12
CA LYS A 109 -8.91 -17.89 -5.88
C LYS A 109 -8.69 -16.40 -6.06
N HIS A 110 -9.55 -15.60 -5.45
CA HIS A 110 -9.34 -14.17 -5.44
C HIS A 110 -8.14 -13.88 -4.57
N VAL A 111 -7.48 -12.73 -4.82
CA VAL A 111 -6.33 -12.32 -4.03
C VAL A 111 -6.42 -10.81 -3.72
N VAL A 112 -6.26 -10.47 -2.43
CA VAL A 112 -6.18 -9.09 -1.96
C VAL A 112 -4.81 -8.98 -1.36
N THR A 113 -3.96 -8.11 -1.88
CA THR A 113 -2.61 -7.97 -1.38
C THR A 113 -2.21 -6.54 -0.92
N SER A 114 -1.21 -6.49 -0.06
CA SER A 114 -0.58 -5.27 0.39
C SER A 114 0.88 -5.23 -0.01
N ASN A 115 1.37 -6.28 -0.70
CA ASN A 115 2.76 -6.35 -1.16
C ASN A 115 2.96 -5.71 -2.50
N LYS A 116 3.89 -4.79 -2.58
CA LYS A 116 4.18 -4.09 -3.80
C LYS A 116 5.02 -4.86 -4.79
N GLY A 117 6.00 -5.60 -4.28
CA GLY A 117 6.96 -6.32 -5.12
C GLY A 117 6.47 -7.09 -6.33
N PRO A 118 5.48 -7.98 -6.12
CA PRO A 118 4.93 -8.77 -7.23
C PRO A 118 4.29 -7.92 -8.33
N LEU A 119 3.61 -6.86 -7.94
CA LEU A 119 2.94 -5.95 -8.86
C LEU A 119 3.97 -5.14 -9.63
N VAL A 120 5.07 -4.76 -9.01
CA VAL A 120 6.11 -3.98 -9.66
C VAL A 120 6.86 -4.85 -10.69
N ALA A 121 7.16 -6.09 -10.32
CA ALA A 121 7.88 -7.04 -11.15
C ALA A 121 7.06 -7.67 -12.27
N GLU A 122 5.77 -7.86 -12.05
CA GLU A 122 4.97 -8.71 -12.92
C GLU A 122 3.53 -8.23 -13.05
N PHE A 123 3.33 -6.92 -13.20
CA PHE A 123 1.98 -6.34 -13.20
C PHE A 123 1.02 -6.95 -14.20
N HIS A 124 1.32 -6.84 -15.50
CA HIS A 124 0.40 -7.37 -16.50
CA HIS A 124 0.47 -7.41 -16.58
C HIS A 124 0.35 -8.91 -16.46
N GLY A 125 1.46 -9.56 -16.13
CA GLY A 125 1.47 -11.02 -16.00
C GLY A 125 0.49 -11.51 -14.93
N LEU A 126 0.38 -10.78 -13.83
CA LEU A 126 -0.53 -11.18 -12.73
C LEU A 126 -1.99 -10.80 -12.99
N MSE A 127 -2.22 -9.62 -13.56
CA MSE A 127 -3.61 -9.19 -13.93
C MSE A 127 -4.21 -10.16 -14.94
O MSE A 127 -5.40 -10.50 -14.83
CB MSE A 127 -3.65 -7.77 -14.52
CG MSE A 127 -3.34 -6.62 -13.55
SE MSE A 127 -4.24 -6.66 -11.79
CE MSE A 127 -6.13 -6.66 -12.24
N SER A 128 -3.39 -10.59 -15.91
CA SER A 128 -3.82 -11.56 -16.94
C SER A 128 -4.09 -12.94 -16.38
N LEU A 129 -3.27 -13.37 -15.43
CA LEU A 129 -3.45 -14.67 -14.80
C LEU A 129 -4.76 -14.68 -14.05
N ALA A 130 -5.05 -13.58 -13.35
CA ALA A 130 -6.31 -13.43 -12.64
C ALA A 130 -7.48 -13.47 -13.65
N GLU A 131 -7.33 -12.75 -14.76
CA GLU A 131 -8.36 -12.73 -15.82
C GLU A 131 -8.54 -14.11 -16.44
N ARG A 132 -7.43 -14.81 -16.76
CA ARG A 132 -7.49 -16.17 -17.38
C ARG A 132 -8.22 -17.16 -16.47
N ASN A 133 -7.97 -17.07 -15.17
CA ASN A 133 -8.76 -17.83 -14.20
C ASN A 133 -9.92 -16.85 -14.02
N GLY A 134 -10.93 -17.12 -13.21
CA GLY A 134 -12.08 -16.16 -13.23
C GLY A 134 -12.15 -15.31 -11.98
N VAL A 135 -11.02 -14.70 -11.62
CA VAL A 135 -10.91 -14.07 -10.32
C VAL A 135 -10.26 -12.68 -10.39
N ARG A 136 -10.18 -12.05 -9.22
N ARG A 136 -10.24 -11.94 -9.29
CA ARG A 136 -9.70 -10.69 -9.10
CA ARG A 136 -9.60 -10.62 -9.35
C ARG A 136 -8.44 -10.57 -8.26
C ARG A 136 -8.50 -10.51 -8.31
N LEU A 137 -7.57 -9.61 -8.63
CA LEU A 137 -6.38 -9.30 -7.88
C LEU A 137 -6.55 -7.83 -7.44
N MSE A 138 -6.77 -7.66 -6.13
CA MSE A 138 -7.03 -6.37 -5.51
C MSE A 138 -5.77 -5.95 -4.77
O MSE A 138 -5.08 -6.78 -4.20
CB MSE A 138 -8.22 -6.50 -4.56
CG MSE A 138 -9.44 -7.15 -5.20
SE MSE A 138 -10.19 -6.25 -6.70
CE MSE A 138 -11.08 -4.62 -5.67
N TYR A 139 -5.50 -4.65 -4.79
CA TYR A 139 -4.27 -4.13 -4.30
C TYR A 139 -4.32 -2.70 -3.76
N GLU A 140 -5.48 -2.33 -3.23
CA GLU A 140 -5.64 -1.01 -2.65
C GLU A 140 -4.60 -0.69 -1.60
N ALA A 141 -4.22 -1.70 -0.82
CA ALA A 141 -3.32 -1.44 0.26
C ALA A 141 -1.87 -1.24 -0.18
N THR A 142 -1.53 -1.51 -1.44
CA THR A 142 -0.16 -1.36 -1.96
C THR A 142 0.33 0.07 -2.10
N VAL A 143 -0.60 1.00 -2.30
CA VAL A 143 -0.31 2.43 -2.46
C VAL A 143 -1.37 3.34 -1.85
N GLY A 144 -0.92 4.24 -0.99
CA GLY A 144 -1.81 5.22 -0.37
C GLY A 144 -2.39 4.80 0.94
N GLY A 145 -2.12 3.56 1.37
CA GLY A 145 -2.70 3.08 2.59
C GLY A 145 -4.24 3.17 2.52
N ALA A 146 -4.83 3.89 3.47
CA ALA A 146 -6.29 3.99 3.58
C ALA A 146 -6.87 4.91 2.49
N MSE A 147 -6.03 5.80 1.96
CA MSE A 147 -6.43 6.69 0.94
C MSE A 147 -6.85 5.94 -0.33
O MSE A 147 -6.07 5.19 -0.87
CB MSE A 147 -5.26 7.59 0.61
CG MSE A 147 -5.60 8.75 -0.19
SE MSE A 147 -4.00 9.76 -0.61
CE MSE A 147 -3.09 8.80 -1.99
N PRO A 148 -8.07 6.17 -0.84
CA PRO A 148 -8.46 5.53 -2.07
C PRO A 148 -7.55 6.08 -3.19
N VAL A 149 -7.00 5.21 -3.96
CA VAL A 149 -6.11 5.61 -5.03
C VAL A 149 -6.32 4.61 -6.13
N VAL A 150 -6.28 3.34 -5.78
CA VAL A 150 -6.40 2.28 -6.78
C VAL A 150 -7.85 2.20 -7.29
N LYS A 151 -8.81 2.10 -6.37
CA LYS A 151 -10.24 2.02 -6.74
C LYS A 151 -10.69 3.31 -7.37
N LEU A 152 -10.04 4.40 -7.02
CA LEU A 152 -10.32 5.70 -7.61
C LEU A 152 -9.83 5.74 -9.06
N ALA A 153 -8.54 5.48 -9.29
CA ALA A 153 -7.97 5.43 -10.65
C ALA A 153 -8.69 4.41 -11.53
N LYS A 154 -8.99 3.25 -10.99
CA LYS A 154 -9.53 2.11 -11.72
C LYS A 154 -11.05 1.96 -11.79
N ARG A 155 -11.79 2.32 -10.76
CA ARG A 155 -13.26 2.21 -10.83
C ARG A 155 -14.01 3.54 -11.03
N TYR A 156 -13.77 4.51 -10.14
N TYR A 156 -13.76 4.51 -10.14
CA TYR A 156 -14.44 5.82 -10.24
CA TYR A 156 -14.52 5.76 -10.21
C TYR A 156 -14.07 6.53 -11.53
C TYR A 156 -14.06 6.67 -11.39
N LEU A 157 -12.77 6.66 -11.76
CA LEU A 157 -12.29 7.37 -12.96
C LEU A 157 -12.12 6.41 -14.21
N ALA A 158 -12.81 5.26 -14.22
CA ALA A 158 -12.72 4.24 -15.27
C ALA A 158 -12.92 4.73 -16.72
N LEU A 159 -14.00 5.50 -16.98
CA LEU A 159 -14.28 5.97 -18.33
C LEU A 159 -13.68 7.34 -18.63
N CYS A 160 -12.74 7.78 -17.81
CA CYS A 160 -11.94 9.00 -18.05
C CYS A 160 -10.57 8.58 -18.54
N GLU A 161 -9.93 9.49 -19.24
CA GLU A 161 -8.57 9.31 -19.63
C GLU A 161 -7.82 10.04 -18.53
N ILE A 162 -7.13 9.31 -17.68
CA ILE A 162 -6.31 9.92 -16.65
C ILE A 162 -5.03 10.28 -17.34
N GLU A 163 -4.77 11.58 -17.48
CA GLU A 163 -3.60 12.07 -18.16
C GLU A 163 -2.35 12.10 -17.28
N SER A 164 -2.50 12.32 -15.98
CA SER A 164 -1.36 12.33 -15.07
C SER A 164 -1.77 12.17 -13.64
N VAL A 165 -0.82 11.70 -12.84
CA VAL A 165 -0.97 11.63 -11.41
C VAL A 165 0.31 12.19 -10.81
N LYS A 166 0.18 13.14 -9.89
CA LYS A 166 1.29 13.70 -9.16
C LYS A 166 0.91 13.48 -7.72
N GLY A 167 1.75 12.85 -6.92
CA GLY A 167 1.39 12.72 -5.52
C GLY A 167 2.56 12.55 -4.57
N ILE A 168 2.18 12.39 -3.32
CA ILE A 168 3.04 12.19 -2.20
C ILE A 168 2.73 10.78 -1.73
N PHE A 169 3.63 9.81 -1.95
CA PHE A 169 3.34 8.43 -1.57
C PHE A 169 4.18 7.81 -0.44
N ASN A 170 4.90 8.64 0.30
CA ASN A 170 5.69 8.18 1.41
C ASN A 170 5.54 9.14 2.58
N GLY A 171 4.83 8.69 3.61
CA GLY A 171 4.62 9.48 4.82
C GLY A 171 5.87 9.89 5.56
N THR A 172 6.87 9.01 5.61
CA THR A 172 8.12 9.28 6.33
C THR A 172 8.90 10.45 5.75
N CYS A 173 9.08 10.47 4.43
CA CYS A 173 9.71 11.60 3.77
C CYS A 173 8.87 12.86 3.92
N ASN A 174 7.55 12.73 3.89
CA ASN A 174 6.72 13.91 4.03
C ASN A 174 6.90 14.48 5.42
N TYR A 175 6.95 13.59 6.40
CA TYR A 175 7.18 14.01 7.79
C TYR A 175 8.55 14.67 7.94
N ILE A 176 9.58 14.06 7.39
CA ILE A 176 10.94 14.57 7.54
C ILE A 176 11.06 15.97 6.95
N LEU A 177 10.49 16.15 5.76
CA LEU A 177 10.50 17.45 5.09
C LEU A 177 9.64 18.50 5.84
N SER A 178 8.44 18.15 6.27
CA SER A 178 7.59 19.07 7.08
C SER A 178 8.26 19.47 8.37
N ARG A 179 8.89 18.51 9.01
CA ARG A 179 9.58 18.73 10.27
C ARG A 179 10.81 19.62 10.05
N MSE A 180 11.57 19.33 8.98
CA MSE A 180 12.71 20.18 8.64
C MSE A 180 12.27 21.60 8.32
O MSE A 180 12.98 22.56 8.64
CB MSE A 180 13.46 19.60 7.44
CG MSE A 180 14.80 20.34 7.19
SE MSE A 180 15.90 19.49 5.80
CE MSE A 180 15.56 17.62 6.38
N GLU A 181 11.13 21.75 7.67
CA GLU A 181 10.59 23.08 7.36
C GLU A 181 10.33 23.85 8.64
N GLU A 182 9.72 23.18 9.61
CA GLU A 182 9.30 23.83 10.84
C GLU A 182 10.46 24.12 11.81
N GLU A 183 11.27 23.10 12.05
CA GLU A 183 12.38 23.20 13.00
C GLU A 183 13.65 23.80 12.41
N ARG A 184 13.86 23.64 11.10
CA ARG A 184 15.06 24.14 10.43
C ARG A 184 16.32 23.51 11.04
N LEU A 185 16.30 22.18 11.20
CA LEU A 185 17.46 21.48 11.77
C LEU A 185 17.96 20.49 10.73
N PRO A 186 19.25 20.12 10.80
CA PRO A 186 19.85 19.24 9.81
C PRO A 186 19.14 17.92 9.61
N TYR A 187 19.28 17.37 8.41
CA TYR A 187 18.67 16.11 8.09
C TYR A 187 18.98 15.02 9.10
N GLU A 188 20.25 14.89 9.51
CA GLU A 188 20.69 13.85 10.47
C GLU A 188 19.84 13.84 11.77
N HIS A 189 19.59 15.04 12.29
CA HIS A 189 18.77 15.26 13.48
C HIS A 189 17.27 14.98 13.27
N ILE A 190 16.69 15.43 12.15
CA ILE A 190 15.26 15.22 11.91
C ILE A 190 15.02 13.73 11.67
N LEU A 191 15.97 13.06 11.03
CA LEU A 191 15.89 11.61 10.83
C LEU A 191 15.86 10.88 12.17
N LYS A 192 16.67 11.30 13.14
CA LYS A 192 16.68 10.68 14.48
C LYS A 192 15.33 10.84 15.19
N GLU A 193 14.67 11.97 14.98
CA GLU A 193 13.31 12.17 15.50
C GLU A 193 12.38 11.18 14.79
N ALA A 194 12.47 11.14 13.47
CA ALA A 194 11.66 10.22 12.69
C ALA A 194 11.83 8.76 13.20
N GLN A 195 13.04 8.42 13.57
CA GLN A 195 13.35 7.09 14.09
C GLN A 195 12.77 6.90 15.49
N GLU A 196 12.94 7.88 16.38
CA GLU A 196 12.36 7.83 17.73
C GLU A 196 10.83 7.65 17.63
N LEU A 197 10.18 8.36 16.73
CA LEU A 197 8.71 8.25 16.53
C LEU A 197 8.25 6.92 15.89
N GLY A 198 9.20 6.17 15.31
CA GLY A 198 8.90 4.88 14.69
C GLY A 198 8.61 4.99 13.22
N TYR A 199 8.71 6.19 12.66
CA TYR A 199 8.40 6.37 11.23
C TYR A 199 9.46 5.77 10.31
N ALA A 200 10.73 5.84 10.74
CA ALA A 200 11.83 5.31 9.96
C ALA A 200 12.60 4.26 10.74
N GLU A 201 13.04 3.21 10.03
CA GLU A 201 13.85 2.14 10.58
C GLU A 201 15.31 2.60 10.72
N ALA A 202 16.12 1.76 11.38
CA ALA A 202 17.56 2.01 11.60
C ALA A 202 18.27 2.27 10.29
N ASP A 203 17.82 1.58 9.24
CA ASP A 203 18.24 1.83 7.87
C ASP A 203 16.98 2.43 7.23
N PRO A 204 16.91 3.77 7.10
CA PRO A 204 15.73 4.47 6.57
C PRO A 204 15.69 4.63 5.04
N SER A 205 16.67 4.05 4.36
CA SER A 205 16.91 4.10 2.91
C SER A 205 15.69 3.89 1.98
N TYR A 206 14.93 2.85 2.26
CA TYR A 206 13.71 2.52 1.51
C TYR A 206 12.80 3.75 1.43
N ASP A 207 12.75 4.51 2.52
CA ASP A 207 11.98 5.74 2.54
C ASP A 207 12.77 6.90 1.95
N VAL A 208 13.87 7.28 2.60
CA VAL A 208 14.61 8.49 2.26
C VAL A 208 15.29 8.57 0.89
N GLU A 209 15.55 7.41 0.27
CA GLU A 209 16.13 7.38 -1.08
C GLU A 209 15.02 7.31 -2.14
N GLY A 210 13.76 7.40 -1.71
CA GLY A 210 12.61 7.41 -2.64
C GLY A 210 12.20 6.09 -3.24
N ILE A 211 12.72 4.97 -2.70
CA ILE A 211 12.44 3.65 -3.26
C ILE A 211 10.96 3.29 -3.06
N ASP A 212 10.45 3.45 -1.85
CA ASP A 212 9.04 3.16 -1.55
C ASP A 212 8.09 3.92 -2.47
N ALA A 213 8.31 5.23 -2.59
CA ALA A 213 7.48 6.08 -3.44
C ALA A 213 7.52 5.65 -4.92
N ALA A 214 8.70 5.26 -5.38
CA ALA A 214 8.91 4.82 -6.78
C ALA A 214 8.23 3.48 -7.11
N LEU A 215 8.29 2.53 -6.19
CA LEU A 215 7.56 1.26 -6.28
C LEU A 215 6.07 1.52 -6.48
N LYS A 216 5.52 2.38 -5.62
CA LYS A 216 4.14 2.82 -5.65
C LYS A 216 3.79 3.56 -6.94
N LEU A 217 4.71 4.41 -7.41
CA LEU A 217 4.54 5.12 -8.67
C LEU A 217 4.43 4.13 -9.80
N VAL A 218 5.23 3.06 -9.79
CA VAL A 218 5.11 2.03 -10.84
C VAL A 218 3.72 1.34 -10.85
N ILE A 219 3.21 1.06 -9.66
CA ILE A 219 1.91 0.42 -9.54
C ILE A 219 0.84 1.34 -10.12
N ILE A 220 0.86 2.61 -9.73
CA ILE A 220 -0.07 3.61 -10.22
C ILE A 220 -0.02 3.84 -11.73
N ALA A 221 1.20 3.98 -12.27
CA ALA A 221 1.42 4.18 -13.70
C ALA A 221 0.73 3.07 -14.42
N ASN A 222 1.02 1.84 -14.04
CA ASN A 222 0.40 0.69 -14.67
C ASN A 222 -1.13 0.62 -14.52
N THR A 223 -1.63 1.01 -13.36
CA THR A 223 -3.07 1.00 -13.07
C THR A 223 -3.81 1.95 -14.03
N ILE A 224 -3.19 3.07 -14.36
CA ILE A 224 -3.80 4.06 -15.25
C ILE A 224 -3.46 3.82 -16.72
N GLY A 225 -2.85 2.69 -17.05
CA GLY A 225 -2.58 2.35 -18.47
C GLY A 225 -1.24 2.72 -19.04
N VAL A 226 -0.31 3.19 -18.19
CA VAL A 226 1.05 3.51 -18.63
C VAL A 226 1.95 2.32 -18.25
N LYS A 227 2.30 1.47 -19.23
CA LYS A 227 3.21 0.35 -18.97
C LYS A 227 4.52 0.96 -18.43
N ALA A 228 4.97 0.49 -17.28
CA ALA A 228 6.17 1.03 -16.68
C ALA A 228 6.84 -0.01 -15.82
N SER A 229 8.18 -0.01 -15.83
CA SER A 229 8.97 -0.85 -14.94
C SER A 229 9.73 0.07 -13.97
N TYR A 230 10.30 -0.47 -12.92
CA TYR A 230 11.08 0.33 -11.96
C TYR A 230 12.24 1.09 -12.66
N GLU A 231 12.90 0.46 -13.62
CA GLU A 231 14.05 1.08 -14.26
C GLU A 231 13.70 2.29 -15.08
N ASP A 232 12.42 2.47 -15.37
CA ASP A 232 11.93 3.62 -16.13
C ASP A 232 11.78 4.87 -15.26
N VAL A 233 11.71 4.73 -13.94
CA VAL A 233 11.50 5.86 -13.04
C VAL A 233 12.83 6.55 -12.72
N GLU A 234 12.86 7.88 -12.77
CA GLU A 234 14.03 8.63 -12.35
C GLU A 234 13.77 8.88 -10.88
N VAL A 235 14.59 8.27 -10.02
CA VAL A 235 14.40 8.35 -8.56
C VAL A 235 15.47 9.24 -7.89
N THR A 236 15.04 10.21 -7.10
CA THR A 236 15.94 11.06 -6.30
C THR A 236 15.32 11.17 -4.90
N GLY A 237 16.12 10.93 -3.88
CA GLY A 237 15.69 10.97 -2.47
C GLY A 237 15.77 12.37 -1.87
N ILE A 238 15.67 12.42 -0.54
CA ILE A 238 15.63 13.69 0.20
C ILE A 238 16.84 14.03 1.06
N THR A 239 17.84 13.16 1.03
CA THR A 239 18.97 13.32 1.93
C THR A 239 19.85 14.54 1.66
N GLN A 240 19.68 15.21 0.51
CA GLN A 240 20.47 16.44 0.21
C GLN A 240 19.64 17.74 0.29
N ILE A 241 18.48 17.66 0.94
CA ILE A 241 17.63 18.83 1.19
C ILE A 241 18.04 19.29 2.58
N THR A 242 18.41 20.56 2.67
CA THR A 242 18.88 21.15 3.90
C THR A 242 17.94 22.27 4.38
N PRO A 243 18.07 22.67 5.64
CA PRO A 243 17.29 23.80 6.10
C PRO A 243 17.46 25.01 5.21
N GLU A 244 18.68 25.22 4.69
CA GLU A 244 18.95 26.38 3.85
C GLU A 244 18.12 26.33 2.56
N ALA A 245 17.91 25.14 2.03
CA ALA A 245 17.05 24.99 0.88
C ALA A 245 15.61 25.46 1.22
N PHE A 246 15.11 25.10 2.40
CA PHE A 246 13.76 25.51 2.82
C PHE A 246 13.69 27.02 3.01
N GLN A 247 14.76 27.62 3.46
CA GLN A 247 14.78 29.06 3.65
C GLN A 247 14.70 29.81 2.32
N VAL A 248 15.48 29.41 1.32
CA VAL A 248 15.49 30.14 0.03
C VAL A 248 14.17 29.92 -0.72
N ALA A 249 13.60 28.74 -0.56
CA ALA A 249 12.29 28.42 -1.16
C ALA A 249 11.15 29.23 -0.46
N ALA A 250 11.21 29.32 0.86
CA ALA A 250 10.20 30.04 1.66
C ALA A 250 10.11 31.50 1.23
N GLU A 251 11.25 32.10 0.96
CA GLU A 251 11.31 33.49 0.56
C GLU A 251 10.53 33.78 -0.72
N LYS A 252 10.28 32.76 -1.53
CA LYS A 252 9.54 32.92 -2.80
C LYS A 252 8.18 32.19 -2.79
N GLY A 253 7.71 31.79 -1.61
CA GLY A 253 6.40 31.16 -1.46
C GLY A 253 6.31 29.66 -1.58
N TYR A 254 7.45 28.98 -1.54
CA TYR A 254 7.48 27.55 -1.71
C TYR A 254 7.94 26.76 -0.50
N THR A 255 7.42 25.56 -0.39
CA THR A 255 7.93 24.58 0.54
C THR A 255 8.53 23.52 -0.39
N ILE A 256 9.02 22.43 0.16
CA ILE A 256 9.66 21.37 -0.63
C ILE A 256 9.03 20.04 -0.24
N ARG A 257 8.71 19.23 -1.24
CA ARG A 257 8.09 17.92 -1.01
C ARG A 257 8.64 16.89 -1.95
N LEU A 258 8.56 15.61 -1.56
CA LEU A 258 8.99 14.53 -2.45
C LEU A 258 7.73 14.17 -3.24
N ILE A 259 7.78 14.43 -4.53
CA ILE A 259 6.67 14.25 -5.41
C ILE A 259 6.93 13.13 -6.41
N ALA A 260 5.96 12.23 -6.50
CA ALA A 260 5.96 11.12 -7.48
C ALA A 260 5.02 11.56 -8.62
N GLU A 261 5.48 11.46 -9.86
CA GLU A 261 4.69 11.87 -10.99
C GLU A 261 4.73 10.92 -12.16
N VAL A 262 3.57 10.63 -12.73
CA VAL A 262 3.46 9.88 -13.99
C VAL A 262 2.63 10.77 -14.91
N SER A 263 3.21 11.20 -16.02
CA SER A 263 2.55 12.07 -17.02
C SER A 263 3.12 11.67 -18.34
N ARG A 264 2.79 12.44 -19.38
CA ARG A 264 3.30 12.19 -20.74
C ARG A 264 4.79 12.54 -20.76
N GLU A 265 5.14 13.65 -20.12
CA GLU A 265 6.51 14.13 -20.05
C GLU A 265 7.42 13.36 -19.06
N LYS A 266 6.83 12.82 -17.98
CA LYS A 266 7.60 12.29 -16.87
C LYS A 266 7.17 11.00 -16.19
N LEU A 267 8.16 10.42 -15.52
CA LEU A 267 7.99 9.28 -14.65
C LEU A 267 9.12 9.46 -13.63
N LYS A 268 8.82 10.15 -12.54
CA LYS A 268 9.83 10.38 -11.57
C LYS A 268 9.36 10.59 -10.16
N VAL A 269 10.31 10.39 -9.26
CA VAL A 269 10.18 10.66 -7.85
C VAL A 269 11.38 11.54 -7.52
N SER A 270 11.12 12.72 -6.98
CA SER A 270 12.16 13.63 -6.58
C SER A 270 11.63 14.75 -5.72
N PRO A 271 12.54 15.42 -5.00
CA PRO A 271 12.10 16.65 -4.34
C PRO A 271 11.64 17.71 -5.36
N ARG A 272 10.71 18.56 -4.96
CA ARG A 272 10.18 19.57 -5.81
C ARG A 272 9.66 20.76 -5.00
N LEU A 273 9.77 21.98 -5.56
CA LEU A 273 9.19 23.17 -4.94
C LEU A 273 7.66 23.13 -5.13
N VAL A 274 6.91 23.34 -4.04
CA VAL A 274 5.46 23.35 -4.04
C VAL A 274 4.97 24.62 -3.33
N PRO A 275 4.16 25.47 -4.00
CA PRO A 275 3.62 26.66 -3.34
C PRO A 275 2.90 26.31 -2.04
N PHE A 276 3.12 27.13 -1.02
CA PHE A 276 2.56 26.90 0.30
C PHE A 276 1.07 26.61 0.35
N HIS A 277 0.31 27.26 -0.51
CA HIS A 277 -1.13 27.03 -0.48
C HIS A 277 -1.64 26.01 -1.52
N HIS A 278 -0.72 25.29 -2.17
N HIS A 278 -0.77 25.27 -2.15
CA HIS A 278 -1.10 24.26 -3.16
CA HIS A 278 -1.25 24.36 -3.15
C HIS A 278 -1.55 23.00 -2.39
C HIS A 278 -1.48 23.00 -2.49
N PRO A 279 -2.49 22.24 -2.96
CA PRO A 279 -2.91 21.00 -2.29
C PRO A 279 -1.81 19.99 -1.98
N LEU A 280 -0.74 19.93 -2.76
CA LEU A 280 0.35 18.99 -2.49
C LEU A 280 1.36 19.54 -1.48
N ALA A 281 1.06 20.67 -0.82
CA ALA A 281 1.92 21.23 0.26
C ALA A 281 1.56 20.66 1.65
N ILE A 282 0.68 19.67 1.67
CA ILE A 282 0.27 18.95 2.87
C ILE A 282 1.46 18.51 3.77
N LYS A 283 1.30 18.67 5.07
CA LYS A 283 2.37 18.31 5.99
C LYS A 283 2.08 17.07 6.84
N GLY A 284 3.11 16.58 7.53
CA GLY A 284 3.00 15.40 8.40
C GLY A 284 3.15 14.10 7.65
N THR A 285 2.89 12.97 8.33
CA THR A 285 2.92 11.66 7.70
C THR A 285 1.58 11.52 6.97
N MSE A 286 1.54 12.02 5.76
CA MSE A 286 0.34 12.00 4.97
C MSE A 286 0.63 11.53 3.56
O MSE A 286 1.80 11.45 3.13
CB MSE A 286 -0.23 13.41 4.89
CG MSE A 286 -1.71 13.37 4.71
SE MSE A 286 -2.47 13.22 6.46
CE MSE A 286 -2.35 15.52 6.34
N ASN A 287 -0.43 11.11 2.86
CA ASN A 287 -0.31 10.82 1.43
C ASN A 287 -1.24 11.78 0.69
N ALA A 288 -0.98 11.93 -0.62
CA ALA A 288 -1.82 12.73 -1.44
C ALA A 288 -1.62 12.42 -2.94
N ALA A 289 -2.65 12.70 -3.74
CA ALA A 289 -2.53 12.44 -5.17
C ALA A 289 -3.45 13.37 -5.93
N MSE A 290 -2.94 13.94 -7.00
CA MSE A 290 -3.72 14.78 -7.85
C MSE A 290 -3.88 14.04 -9.17
O MSE A 290 -2.89 13.83 -9.85
CB MSE A 290 -3.00 16.12 -8.08
CG MSE A 290 -3.78 17.14 -8.94
SE MSE A 290 -5.42 17.79 -8.22
CE MSE A 290 -4.73 19.15 -7.00
N PHE A 291 -5.10 13.68 -9.56
CA PHE A 291 -5.37 13.06 -10.88
C PHE A 291 -5.86 14.14 -11.84
N LYS A 292 -5.19 14.28 -12.98
CA LYS A 292 -5.61 15.19 -14.01
C LYS A 292 -6.24 14.30 -15.08
N THR A 293 -7.50 14.60 -15.43
CA THR A 293 -8.27 13.79 -16.37
C THR A 293 -8.78 14.64 -17.47
N ASP A 294 -9.31 13.99 -18.50
CA ASP A 294 -9.90 14.71 -19.62
C ASP A 294 -11.36 15.15 -19.37
N THR A 295 -12.18 14.30 -18.76
CA THR A 295 -13.63 14.64 -18.60
C THR A 295 -14.12 15.05 -17.19
N ALA A 296 -13.45 14.56 -16.16
CA ALA A 296 -13.80 14.90 -14.76
C ALA A 296 -12.96 16.03 -14.16
N GLY A 297 -12.24 16.79 -14.97
CA GLY A 297 -11.30 17.78 -14.46
C GLY A 297 -10.15 17.15 -13.66
N SER A 298 -9.67 17.93 -12.69
CA SER A 298 -8.65 17.53 -11.75
C SER A 298 -9.29 17.02 -10.43
N ILE A 299 -8.89 15.83 -10.00
CA ILE A 299 -9.40 15.19 -8.80
C ILE A 299 -8.25 14.95 -7.82
N PHE A 300 -8.46 15.43 -6.59
CA PHE A 300 -7.48 15.38 -5.54
C PHE A 300 -7.97 14.56 -4.36
N VAL A 301 -7.05 13.77 -3.83
CA VAL A 301 -7.28 12.95 -2.66
C VAL A 301 -6.06 13.02 -1.73
N ALA A 302 -6.34 12.95 -0.42
CA ALA A 302 -5.34 12.97 0.64
C ALA A 302 -5.86 12.16 1.84
N GLY A 303 -4.92 11.49 2.54
CA GLY A 303 -5.20 10.74 3.77
C GLY A 303 -3.94 10.13 4.39
N ARG A 304 -4.10 9.15 5.29
CA ARG A 304 -2.96 8.42 5.91
C ARG A 304 -2.41 7.42 4.90
N GLY A 305 -1.09 7.42 4.72
CA GLY A 305 -0.46 6.52 3.74
C GLY A 305 0.02 5.16 4.27
N ALA A 306 -0.15 4.93 5.57
CA ALA A 306 0.32 3.70 6.24
C ALA A 306 -0.23 3.62 7.68
N GLY A 307 0.07 2.51 8.35
CA GLY A 307 -0.46 2.24 9.68
C GLY A 307 -1.14 0.89 9.65
N LYS A 308 -1.29 0.28 10.81
CA LYS A 308 -1.87 -1.05 10.91
C LYS A 308 -3.35 -1.05 10.56
N GLU A 309 -4.12 -0.20 11.24
CA GLU A 309 -5.57 -0.17 11.06
C GLU A 309 -5.88 0.41 9.67
N GLU A 310 -5.08 1.40 9.23
CA GLU A 310 -5.23 2.05 7.94
C GLU A 310 -5.00 1.07 6.79
N THR A 311 -3.96 0.26 6.87
CA THR A 311 -3.69 -0.71 5.82
C THR A 311 -4.75 -1.79 5.84
N ALA A 312 -5.13 -2.23 7.05
CA ALA A 312 -6.17 -3.22 7.21
C ALA A 312 -7.48 -2.76 6.53
N SER A 313 -7.83 -1.48 6.72
CA SER A 313 -9.02 -0.83 6.10
C SER A 313 -9.04 -0.97 4.59
N ALA A 314 -7.92 -0.65 3.97
CA ALA A 314 -7.75 -0.78 2.51
C ALA A 314 -8.02 -2.21 2.09
N ILE A 315 -7.46 -3.18 2.83
CA ILE A 315 -7.67 -4.57 2.52
C ILE A 315 -9.17 -4.89 2.57
N LEU A 316 -9.83 -4.45 3.63
CA LEU A 316 -11.25 -4.66 3.77
C LEU A 316 -12.08 -4.01 2.67
N SER A 317 -11.69 -2.81 2.21
CA SER A 317 -12.44 -2.12 1.14
C SER A 317 -12.39 -3.01 -0.10
N ASP A 318 -11.26 -3.69 -0.33
CA ASP A 318 -11.12 -4.61 -1.46
C ASP A 318 -11.98 -5.86 -1.31
N LEU A 319 -12.07 -6.38 -0.10
CA LEU A 319 -12.88 -7.58 0.17
C LEU A 319 -14.36 -7.23 -0.11
N TYR A 320 -14.81 -6.07 0.39
CA TYR A 320 -16.13 -5.51 0.12
C TYR A 320 -16.42 -5.38 -1.40
N GLU A 321 -15.46 -4.83 -2.12
CA GLU A 321 -15.59 -4.67 -3.56
C GLU A 321 -15.77 -6.05 -4.24
N ILE A 322 -15.05 -7.06 -3.83
CA ILE A 322 -15.18 -8.37 -4.45
C ILE A 322 -16.56 -8.99 -4.16
N TYR A 323 -17.04 -8.85 -2.92
CA TYR A 323 -18.23 -9.56 -2.47
C TYR A 323 -19.52 -8.78 -2.11
N ALA A 324 -19.56 -7.47 -2.23
CA ALA A 324 -20.79 -6.72 -1.90
C ALA A 324 -21.92 -6.95 -2.92
N GLY A 325 -23.14 -7.18 -2.41
CA GLY A 325 -24.31 -7.39 -3.27
C GLY A 325 -25.63 -7.34 -2.49
P PO4 B . 6.52 -13.09 11.00
O1 PO4 B . 6.71 -14.59 11.13
O2 PO4 B . 7.87 -12.58 10.59
O3 PO4 B . 5.44 -12.74 9.94
O4 PO4 B . 6.17 -12.47 12.32
P PO4 C . 6.47 -4.71 -0.07
O1 PO4 C . 6.64 -5.97 -0.93
O2 PO4 C . 7.76 -3.91 -0.30
O3 PO4 C . 5.31 -3.82 -0.43
O4 PO4 C . 5.93 -4.93 1.32
C1 PEG D . 7.55 4.64 -20.55
O1 PEG D . 8.87 4.08 -20.53
C2 PEG D . 7.14 5.14 -19.16
O2 PEG D . 6.42 6.38 -19.25
C3 PEG D . 7.27 7.52 -19.34
C4 PEG D . 6.46 8.80 -19.39
O4 PEG D . 7.33 9.84 -19.85
#